data_4CYY
#
_entry.id   4CYY
#
_cell.length_a   101.904
_cell.length_b   101.904
_cell.length_c   133.652
_cell.angle_alpha   90.00
_cell.angle_beta   90.00
_cell.angle_gamma   120.00
#
_symmetry.space_group_name_H-M   'P 32 2 1'
#
loop_
_entity.id
_entity.type
_entity.pdbx_description
1 polymer PANTETHEINASE
2 branched 2-acetamido-2-deoxy-beta-D-glucopyranose-(1-4)-2-acetamido-2-deoxy-beta-D-glucopyranose
3 non-polymer 2-acetamido-2-deoxy-beta-D-glucopyranose
4 water water
#
_entity_poly.entity_id   1
_entity_poly.type   'polypeptide(L)'
_entity_poly.pdbx_seq_one_letter_code
;ASISARDYKDDDDKQDTFIAAVYEHAAILPNATLTPVSREEALALMNRNLDILEGAITSAADQGAHIIVTPEDAIYGWNF
NRDSLYPYLEDIPDPEVNWIPCNNRNRFGQTPVQERLSCLAKNNSIYVVANIGDKKPCDTSDPQCPPDGRYQYNTDVVFD
SQGKLVARYHKQNLFMGENQFNVPKEPEIVTFNTTFGSFGIFTCFDILFHDPAVTLVKDFHVDTIVFPTAWMNVLPHLSA
VEFHSAWAMGMRVNFLASNIHYPSKKMTGSGIYAPNSSRAFHYDMKTEEGKLLLSQLDSHPSHSAVVNWTSYASSIEALS
SGNKEFKGTVFFDEFTFVKLTGVAGNYTVCQKDLCCHLSYKMSENIPNEVYALGAFDGLHTVEGRYYLQICTLLKCKTTN
LNTCGDSAETASTRFEMFSLSGTFGTQYVFPEVLLSENQLAPGEFQVSTDGRLFSLKPTSGPVLTVTLFGRLYEKDWASN
ASSGLTAQARIIMLIVIAPIVCSLSW
;
_entity_poly.pdbx_strand_id   A
#
loop_
_chem_comp.id
_chem_comp.type
_chem_comp.name
_chem_comp.formula
NAG D-saccharide, beta linking 2-acetamido-2-deoxy-beta-D-glucopyranose 'C8 H15 N O6'
#
# COMPACT_ATOMS: atom_id res chain seq x y z
N ASP A 13 -16.38 25.07 7.34
CA ASP A 13 -16.44 25.50 5.91
C ASP A 13 -16.36 24.28 4.99
N LYS A 14 -17.12 23.23 5.32
CA LYS A 14 -16.92 21.88 4.75
C LYS A 14 -17.08 21.77 3.25
N GLN A 15 -16.41 20.78 2.65
CA GLN A 15 -16.40 20.57 1.20
C GLN A 15 -16.81 19.15 0.87
N ASP A 16 -17.59 19.00 -0.19
CA ASP A 16 -18.07 17.69 -0.63
C ASP A 16 -16.99 16.90 -1.41
N THR A 17 -16.12 17.63 -2.11
CA THR A 17 -14.98 17.05 -2.79
C THR A 17 -13.66 17.72 -2.46
N PHE A 18 -12.57 17.08 -2.88
CA PHE A 18 -11.22 17.61 -2.76
C PHE A 18 -10.29 17.00 -3.78
N ILE A 19 -9.25 17.73 -4.13
CA ILE A 19 -8.28 17.20 -5.06
C ILE A 19 -7.07 16.63 -4.34
N ALA A 20 -6.81 15.36 -4.59
CA ALA A 20 -5.70 14.66 -3.99
C ALA A 20 -4.51 14.70 -4.94
N ALA A 21 -3.31 14.73 -4.37
CA ALA A 21 -2.09 14.54 -5.12
C ALA A 21 -1.21 13.50 -4.43
N VAL A 22 -0.50 12.73 -5.23
CA VAL A 22 0.56 11.90 -4.73
C VAL A 22 1.72 12.06 -5.70
N TYR A 23 2.94 12.00 -5.16
CA TYR A 23 4.14 12.12 -5.95
C TYR A 23 5.02 10.88 -5.81
N GLU A 24 5.31 10.25 -6.95
CA GLU A 24 6.28 9.17 -6.99
C GLU A 24 7.62 9.86 -7.17
N HIS A 25 8.51 9.74 -6.18
CA HIS A 25 9.76 10.51 -6.11
C HIS A 25 10.97 9.64 -6.37
N ALA A 26 11.80 10.05 -7.33
CA ALA A 26 13.11 9.42 -7.55
C ALA A 26 14.11 10.04 -6.57
N ALA A 27 14.37 9.33 -5.47
CA ALA A 27 15.13 9.89 -4.36
C ALA A 27 16.58 10.11 -4.73
N ILE A 28 17.13 11.23 -4.26
CA ILE A 28 18.56 11.43 -4.23
C ILE A 28 19.12 10.83 -2.95
N LEU A 29 19.99 9.84 -3.12
CA LEU A 29 20.54 9.14 -1.98
C LEU A 29 21.80 9.82 -1.46
N PRO A 30 22.05 9.69 -0.15
CA PRO A 30 23.29 10.24 0.38
C PRO A 30 24.50 9.48 -0.19
N ASN A 31 25.62 10.17 -0.40
CA ASN A 31 26.87 9.48 -0.69
C ASN A 31 27.15 8.56 0.48
N ALA A 32 27.84 7.46 0.25
CA ALA A 32 28.17 6.55 1.34
C ALA A 32 29.46 7.03 2.03
N THR A 33 29.54 6.79 3.34
CA THR A 33 30.75 7.00 4.12
C THR A 33 30.87 5.90 5.18
N LEU A 34 32.06 5.77 5.75
CA LEU A 34 32.31 4.80 6.82
C LEU A 34 32.12 5.45 8.18
N THR A 35 31.89 6.77 8.18
CA THR A 35 31.64 7.51 9.41
C THR A 35 30.50 8.52 9.21
N PRO A 36 29.55 8.57 10.17
CA PRO A 36 28.46 9.55 10.26
C PRO A 36 28.81 10.94 9.79
N VAL A 37 27.94 11.54 9.00
CA VAL A 37 28.21 12.86 8.50
C VAL A 37 27.84 13.89 9.55
N SER A 38 28.16 15.14 9.25
CA SER A 38 27.75 16.24 10.10
C SER A 38 26.31 16.61 9.78
N ARG A 39 25.61 17.15 10.79
CA ARG A 39 24.26 17.69 10.61
C ARG A 39 24.17 18.71 9.47
N GLU A 40 25.24 19.46 9.23
CA GLU A 40 25.26 20.42 8.14
C GLU A 40 25.29 19.74 6.77
N GLU A 41 26.02 18.63 6.67
CA GLU A 41 26.09 17.87 5.44
C GLU A 41 24.80 17.09 5.18
N ALA A 42 24.22 16.53 6.24
CA ALA A 42 22.98 15.76 6.11
C ALA A 42 21.85 16.65 5.63
N LEU A 43 21.84 17.88 6.11
CA LEU A 43 20.81 18.83 5.71
C LEU A 43 20.96 19.17 4.25
N ALA A 44 22.19 19.45 3.84
CA ALA A 44 22.49 19.67 2.43
C ALA A 44 21.77 18.66 1.55
N LEU A 45 21.93 17.38 1.88
CA LEU A 45 21.31 16.33 1.10
C LEU A 45 19.79 16.48 1.14
N MET A 46 19.23 16.51 2.34
CA MET A 46 17.78 16.58 2.50
C MET A 46 17.18 17.77 1.75
N ASN A 47 17.89 18.88 1.73
CA ASN A 47 17.43 20.02 0.97
C ASN A 47 17.39 19.79 -0.55
N ARG A 48 18.29 18.99 -1.08
CA ARG A 48 18.25 18.68 -2.50
C ARG A 48 17.01 17.88 -2.87
N ASN A 49 16.64 16.93 -2.00
CA ASN A 49 15.38 16.22 -2.14
C ASN A 49 14.21 17.12 -1.95
N LEU A 50 14.25 17.92 -0.90
CA LEU A 50 13.22 18.91 -0.66
C LEU A 50 13.01 19.86 -1.83
N ASP A 51 14.09 20.25 -2.52
CA ASP A 51 13.97 21.11 -3.71
C ASP A 51 13.09 20.47 -4.77
N ILE A 52 13.22 19.16 -4.91
CA ILE A 52 12.45 18.43 -5.89
C ILE A 52 11.01 18.35 -5.43
N LEU A 53 10.81 17.98 -4.17
CA LEU A 53 9.45 17.83 -3.64
C LEU A 53 8.72 19.14 -3.69
N GLU A 54 9.46 20.22 -3.51
CA GLU A 54 8.88 21.52 -3.66
C GLU A 54 8.28 21.67 -5.05
N GLY A 55 9.04 21.28 -6.06
CA GLY A 55 8.49 21.24 -7.42
C GLY A 55 7.14 20.54 -7.51
N ALA A 56 7.04 19.36 -6.93
CA ALA A 56 5.79 18.61 -6.96
C ALA A 56 4.68 19.31 -6.22
N ILE A 57 5.02 19.92 -5.09
CA ILE A 57 4.04 20.59 -4.24
C ILE A 57 3.52 21.85 -4.87
N THR A 58 4.42 22.64 -5.43
CA THR A 58 4.03 23.84 -6.18
C THR A 58 3.10 23.51 -7.33
N SER A 59 3.50 22.56 -8.15
CA SER A 59 2.70 22.14 -9.29
C SER A 59 1.33 21.66 -8.83
N ALA A 60 1.30 20.80 -7.82
CA ALA A 60 0.05 20.20 -7.38
C ALA A 60 -0.90 21.25 -6.86
N ALA A 61 -0.39 22.20 -6.09
CA ALA A 61 -1.21 23.31 -5.58
C ALA A 61 -1.76 24.18 -6.70
N ASP A 62 -0.88 24.52 -7.65
CA ASP A 62 -1.26 25.17 -8.90
C ASP A 62 -2.30 24.38 -9.70
N GLN A 63 -2.53 23.12 -9.34
CA GLN A 63 -3.56 22.31 -9.98
C GLN A 63 -4.78 22.04 -9.06
N GLY A 64 -4.94 22.84 -8.01
CA GLY A 64 -6.12 22.75 -7.18
C GLY A 64 -6.01 21.82 -5.99
N ALA A 65 -4.85 21.17 -5.82
CA ALA A 65 -4.71 20.14 -4.81
C ALA A 65 -4.96 20.71 -3.43
N HIS A 66 -5.55 19.90 -2.58
CA HIS A 66 -5.83 20.29 -1.18
C HIS A 66 -4.87 19.59 -0.24
N ILE A 67 -4.38 18.43 -0.68
CA ILE A 67 -3.40 17.68 0.07
C ILE A 67 -2.49 16.92 -0.90
N ILE A 68 -1.24 16.72 -0.53
CA ILE A 68 -0.30 15.96 -1.36
C ILE A 68 0.53 15.06 -0.50
N VAL A 69 0.65 13.81 -0.89
CA VAL A 69 1.47 12.88 -0.16
C VAL A 69 2.74 12.67 -0.93
N THR A 70 3.85 12.70 -0.18
CA THR A 70 5.16 12.33 -0.69
C THR A 70 5.61 11.02 -0.02
N PRO A 71 6.59 10.32 -0.61
CA PRO A 71 6.90 8.96 -0.20
C PRO A 71 7.70 8.82 1.07
N GLU A 72 7.86 7.57 1.47
CA GLU A 72 8.65 7.17 2.63
C GLU A 72 10.12 7.25 2.27
N ASP A 73 10.95 7.68 3.22
CA ASP A 73 12.40 7.73 3.02
C ASP A 73 12.77 8.62 1.82
N ALA A 74 11.88 9.53 1.47
CA ALA A 74 12.03 10.28 0.24
C ALA A 74 13.03 11.40 0.38
N ILE A 75 13.38 11.73 1.61
CA ILE A 75 14.19 12.90 1.90
C ILE A 75 15.62 12.53 2.20
N TYR A 76 15.85 11.31 2.66
CA TYR A 76 17.21 10.84 2.94
C TYR A 76 17.53 9.40 2.58
N GLY A 77 16.59 8.67 1.98
CA GLY A 77 16.87 7.30 1.54
C GLY A 77 16.81 6.24 2.62
N TRP A 78 17.30 5.05 2.29
CA TRP A 78 17.03 3.84 3.08
C TRP A 78 18.28 3.07 3.50
N ASN A 79 19.48 3.59 3.18
CA ASN A 79 20.74 2.92 3.55
C ASN A 79 21.37 3.49 4.82
N PHE A 80 21.03 2.87 5.95
CA PHE A 80 21.43 3.40 7.24
C PHE A 80 21.60 2.30 8.25
N ASN A 81 22.48 2.60 9.20
CA ASN A 81 22.53 1.97 10.53
C ASN A 81 22.19 3.07 11.56
N ARG A 82 22.03 2.68 12.82
CA ARG A 82 21.57 3.64 13.83
C ARG A 82 22.40 4.92 13.84
N ASP A 83 23.72 4.81 13.73
CA ASP A 83 24.57 5.98 13.89
C ASP A 83 24.66 6.88 12.66
N SER A 84 24.74 6.29 11.47
CA SER A 84 24.85 7.10 10.24
C SER A 84 23.58 7.90 10.01
N LEU A 85 22.46 7.38 10.50
CA LEU A 85 21.17 8.07 10.39
C LEU A 85 21.03 9.26 11.31
N TYR A 86 21.55 9.09 12.53
CA TYR A 86 21.39 10.08 13.61
C TYR A 86 21.46 11.55 13.19
N PRO A 87 22.51 11.95 12.46
CA PRO A 87 22.61 13.35 12.06
C PRO A 87 21.52 13.86 11.17
N TYR A 88 20.67 12.99 10.64
CA TYR A 88 19.53 13.41 9.81
C TYR A 88 18.27 13.64 10.63
N LEU A 89 18.25 13.11 11.85
CA LEU A 89 17.05 13.12 12.68
C LEU A 89 16.75 14.48 13.27
N GLU A 90 15.49 14.68 13.68
CA GLU A 90 15.05 15.88 14.39
C GLU A 90 14.12 15.40 15.48
N ASP A 91 13.99 16.19 16.54
CA ASP A 91 13.05 15.86 17.61
C ASP A 91 11.71 16.46 17.23
N ILE A 92 10.73 15.59 16.98
CA ILE A 92 9.46 16.00 16.40
C ILE A 92 8.39 15.86 17.47
N PRO A 93 7.75 16.99 17.85
CA PRO A 93 6.89 17.00 19.02
C PRO A 93 5.50 16.47 18.70
N ASP A 94 4.71 16.24 19.74
CA ASP A 94 3.30 15.90 19.60
C ASP A 94 2.56 17.10 18.97
N PRO A 95 1.73 16.86 17.94
CA PRO A 95 1.03 17.99 17.29
C PRO A 95 0.35 18.90 18.30
N GLU A 96 -0.11 18.31 19.41
CA GLU A 96 -0.72 19.00 20.55
C GLU A 96 0.08 20.16 21.15
N VAL A 97 1.38 20.18 20.91
CA VAL A 97 2.17 21.36 21.22
C VAL A 97 1.59 22.61 20.53
N ASN A 98 0.89 22.41 19.41
CA ASN A 98 0.19 23.50 18.74
C ASN A 98 1.20 24.52 18.18
N TRP A 99 1.83 24.13 17.07
CA TRP A 99 3.05 24.76 16.61
C TRP A 99 3.09 24.90 15.10
N ILE A 100 3.56 26.05 14.62
CA ILE A 100 3.75 26.30 13.19
C ILE A 100 5.24 26.56 12.96
N PRO A 101 5.98 25.54 12.52
CA PRO A 101 7.41 25.71 12.36
C PRO A 101 7.83 26.85 11.41
N CYS A 102 7.01 27.19 10.42
CA CYS A 102 7.34 28.28 9.52
C CYS A 102 7.41 29.61 10.31
N ASN A 103 6.45 29.84 11.20
CA ASN A 103 6.35 31.08 11.99
C ASN A 103 7.31 31.17 13.14
N ASN A 104 7.58 30.04 13.78
CA ASN A 104 8.38 29.97 15.01
C ASN A 104 9.72 29.20 14.76
N ARG A 105 10.66 29.79 13.99
CA ARG A 105 10.47 31.07 13.28
C ARG A 105 11.15 31.07 11.90
N GLY A 109 16.69 26.47 12.32
CA GLY A 109 17.50 26.43 13.52
C GLY A 109 17.97 25.00 13.83
N GLN A 110 17.22 24.32 14.69
CA GLN A 110 17.49 22.92 15.08
C GLN A 110 16.47 21.93 14.50
N THR A 111 15.57 22.44 13.68
CA THR A 111 14.52 21.66 13.07
C THR A 111 14.24 22.28 11.71
N PRO A 112 15.27 22.38 10.85
CA PRO A 112 15.14 23.01 9.55
C PRO A 112 14.28 22.23 8.55
N VAL A 113 14.25 20.91 8.66
CA VAL A 113 13.47 20.10 7.75
C VAL A 113 11.98 20.35 8.00
N GLN A 114 11.59 20.31 9.29
CA GLN A 114 10.22 20.62 9.70
C GLN A 114 9.81 22.03 9.35
N GLU A 115 10.73 22.98 9.47
CA GLU A 115 10.46 24.37 9.08
C GLU A 115 10.15 24.45 7.59
N ARG A 116 10.96 23.77 6.80
CA ARG A 116 10.81 23.82 5.35
C ARG A 116 9.48 23.19 4.92
N LEU A 117 9.16 22.04 5.50
CA LEU A 117 7.91 21.37 5.19
C LEU A 117 6.74 22.28 5.55
N SER A 118 6.77 22.83 6.76
CA SER A 118 5.74 23.77 7.20
C SER A 118 5.59 24.96 6.24
N CYS A 119 6.70 25.46 5.70
CA CYS A 119 6.65 26.61 4.77
C CYS A 119 6.08 26.27 3.42
N LEU A 120 6.41 25.09 2.92
CA LEU A 120 5.83 24.63 1.67
C LEU A 120 4.31 24.48 1.78
N ALA A 121 3.86 23.94 2.91
CA ALA A 121 2.44 23.77 3.17
C ALA A 121 1.74 25.11 3.29
N LYS A 122 2.39 26.08 3.93
CA LYS A 122 1.81 27.39 4.13
C LYS A 122 1.86 28.23 2.86
N ASN A 123 3.05 28.37 2.26
CA ASN A 123 3.22 29.20 1.07
C ASN A 123 2.36 28.72 -0.09
N ASN A 124 2.09 27.42 -0.15
CA ASN A 124 1.22 26.89 -1.20
C ASN A 124 -0.19 26.56 -0.71
N SER A 125 -0.46 26.82 0.56
CA SER A 125 -1.81 26.67 1.13
C SER A 125 -2.34 25.28 0.83
N ILE A 126 -1.63 24.27 1.32
CA ILE A 126 -1.87 22.88 0.92
C ILE A 126 -1.40 21.96 2.03
N TYR A 127 -2.16 20.92 2.31
CA TYR A 127 -1.68 19.93 3.27
C TYR A 127 -0.51 19.20 2.67
N VAL A 128 0.57 19.04 3.44
CA VAL A 128 1.70 18.26 3.01
C VAL A 128 1.96 17.07 3.94
N VAL A 129 2.21 15.91 3.35
CA VAL A 129 2.45 14.70 4.10
C VAL A 129 3.80 14.14 3.69
N ALA A 130 4.69 13.98 4.66
CA ALA A 130 6.04 13.53 4.37
C ALA A 130 6.60 12.56 5.39
N ASN A 131 7.66 11.88 4.97
CA ASN A 131 8.33 10.93 5.82
C ASN A 131 9.73 11.39 6.06
N ILE A 132 10.01 11.61 7.35
CA ILE A 132 11.32 11.95 7.85
C ILE A 132 11.56 11.16 9.12
N GLY A 133 12.66 11.46 9.80
CA GLY A 133 13.08 10.68 10.95
C GLY A 133 13.01 11.49 12.22
N ASP A 134 12.50 10.83 13.27
CA ASP A 134 12.35 11.43 14.58
C ASP A 134 13.35 10.81 15.50
N LYS A 135 13.99 11.64 16.33
CA LYS A 135 14.82 11.15 17.43
C LYS A 135 14.16 11.52 18.78
N LYS A 136 14.20 10.58 19.73
CA LYS A 136 13.60 10.76 21.06
C LYS A 136 14.58 10.32 22.11
N PRO A 137 15.44 11.25 22.57
CA PRO A 137 16.46 10.90 23.54
C PRO A 137 15.81 10.50 24.83
N CYS A 138 16.17 9.32 25.34
CA CYS A 138 15.55 8.74 26.51
C CYS A 138 16.48 8.75 27.72
N ASP A 139 15.89 8.54 28.88
CA ASP A 139 16.58 8.51 30.16
C ASP A 139 17.04 7.09 30.47
N THR A 140 18.11 6.95 31.23
CA THR A 140 18.63 5.62 31.57
C THR A 140 17.68 4.83 32.49
N SER A 141 16.82 5.54 33.23
CA SER A 141 15.81 4.89 34.08
C SER A 141 14.83 4.05 33.27
N ASP A 142 14.45 4.56 32.09
CA ASP A 142 13.60 3.84 31.14
C ASP A 142 14.27 2.51 30.74
N PRO A 143 13.65 1.36 31.10
CA PRO A 143 14.31 0.08 30.83
C PRO A 143 14.38 -0.22 29.31
N GLN A 144 13.50 0.40 28.54
CA GLN A 144 13.47 0.21 27.10
C GLN A 144 14.46 1.14 26.39
N CYS A 145 15.06 2.08 27.11
CA CYS A 145 15.97 3.03 26.50
C CYS A 145 17.12 2.31 25.84
N PRO A 146 17.32 2.53 24.53
CA PRO A 146 18.47 1.89 23.91
C PRO A 146 19.81 2.31 24.52
N PRO A 147 20.79 1.40 24.51
CA PRO A 147 22.15 1.70 24.96
C PRO A 147 22.66 3.01 24.43
N ASP A 148 22.42 3.30 23.15
CA ASP A 148 22.93 4.56 22.59
C ASP A 148 22.10 5.81 22.93
N GLY A 149 21.13 5.69 23.83
CA GLY A 149 20.54 6.86 24.49
C GLY A 149 19.29 7.47 23.88
N ARG A 150 18.72 6.83 22.88
CA ARG A 150 17.66 7.47 22.11
C ARG A 150 16.86 6.46 21.35
N TYR A 151 15.59 6.79 21.13
CA TYR A 151 14.79 6.09 20.16
C TYR A 151 14.95 6.81 18.83
N GLN A 152 14.92 6.04 17.74
CA GLN A 152 14.88 6.58 16.39
C GLN A 152 13.71 5.95 15.67
N TYR A 153 12.76 6.79 15.27
CA TYR A 153 11.54 6.30 14.64
C TYR A 153 11.43 6.79 13.22
N ASN A 154 10.81 5.97 12.39
CA ASN A 154 10.44 6.31 11.01
C ASN A 154 9.10 7.01 11.06
N THR A 155 9.07 8.26 10.60
CA THR A 155 8.04 9.16 11.03
C THR A 155 7.33 9.89 9.91
N ASP A 156 6.01 9.67 9.84
CA ASP A 156 5.18 10.45 8.96
C ASP A 156 4.78 11.73 9.67
N VAL A 157 4.84 12.84 8.94
CA VAL A 157 4.39 14.11 9.48
C VAL A 157 3.43 14.76 8.52
N VAL A 158 2.44 15.45 9.08
CA VAL A 158 1.49 16.18 8.27
C VAL A 158 1.37 17.62 8.70
N PHE A 159 1.34 18.51 7.72
CA PHE A 159 1.19 19.93 7.94
C PHE A 159 -0.02 20.45 7.23
N ASP A 160 -0.90 21.15 7.95
CA ASP A 160 -2.06 21.79 7.32
C ASP A 160 -1.67 22.95 6.39
N SER A 161 -2.66 23.55 5.74
CA SER A 161 -2.44 24.67 4.83
C SER A 161 -1.97 25.98 5.51
N GLN A 162 -2.01 26.02 6.84
CA GLN A 162 -1.42 27.09 7.63
C GLN A 162 0.05 26.84 7.94
N GLY A 163 0.52 25.63 7.63
CA GLY A 163 1.85 25.18 8.03
C GLY A 163 1.90 24.50 9.39
N LYS A 164 0.75 24.29 10.04
CA LYS A 164 0.74 23.77 11.40
C LYS A 164 0.89 22.27 11.40
N LEU A 165 1.74 21.78 12.28
CA LEU A 165 1.91 20.35 12.45
C LEU A 165 0.63 19.82 13.07
N VAL A 166 -0.05 18.94 12.32
CA VAL A 166 -1.29 18.32 12.75
C VAL A 166 -1.21 16.81 12.96
N ALA A 167 -0.15 16.15 12.49
CA ALA A 167 -0.05 14.68 12.70
C ALA A 167 1.38 14.16 12.75
N ARG A 168 1.61 13.18 13.62
CA ARG A 168 2.90 12.53 13.71
C ARG A 168 2.78 11.05 14.01
N TYR A 169 3.07 10.23 13.01
CA TYR A 169 2.99 8.80 13.16
C TYR A 169 4.35 8.12 13.05
N HIS A 170 4.68 7.37 14.09
CA HIS A 170 5.80 6.44 14.07
C HIS A 170 5.43 5.02 13.54
N LYS A 171 6.09 4.64 12.45
CA LYS A 171 5.90 3.33 11.83
C LYS A 171 6.03 2.16 12.80
N GLN A 172 5.02 1.31 12.82
CA GLN A 172 4.90 0.25 13.80
C GLN A 172 5.53 -1.05 13.39
N ASN A 173 5.34 -1.40 12.13
CA ASN A 173 5.80 -2.67 11.62
C ASN A 173 6.97 -2.42 10.70
N LEU A 174 8.17 -2.60 11.22
CA LEU A 174 9.36 -2.35 10.44
C LEU A 174 9.58 -3.51 9.50
N PHE A 175 10.13 -3.23 8.33
CA PHE A 175 10.53 -4.30 7.44
C PHE A 175 11.88 -4.81 7.94
N MET A 176 12.29 -6.01 7.51
CA MET A 176 13.61 -6.49 7.87
C MET A 176 14.63 -5.70 7.05
N GLY A 177 15.70 -5.24 7.72
CA GLY A 177 16.65 -4.31 7.13
C GLY A 177 16.59 -2.93 7.76
N GLU A 178 15.48 -2.59 8.40
CA GLU A 178 15.31 -1.30 9.08
C GLU A 178 15.90 -1.29 10.50
N ASN A 179 17.04 -1.96 10.64
CA ASN A 179 17.83 -1.98 11.87
C ASN A 179 18.12 -0.59 12.46
N GLN A 180 18.09 0.44 11.63
CA GLN A 180 18.36 1.80 12.13
C GLN A 180 17.17 2.45 12.83
N PHE A 181 16.03 1.76 12.91
CA PHE A 181 14.85 2.30 13.59
C PHE A 181 14.42 1.47 14.79
N ASN A 182 13.57 2.07 15.63
CA ASN A 182 12.95 1.39 16.76
C ASN A 182 11.46 1.17 16.53
N VAL A 183 10.91 0.26 17.32
CA VAL A 183 9.50 -0.01 17.30
C VAL A 183 8.86 0.68 18.50
N PRO A 184 7.87 1.55 18.26
CA PRO A 184 7.13 2.19 19.34
C PRO A 184 6.59 1.17 20.33
N LYS A 185 6.60 1.49 21.62
CA LYS A 185 6.14 0.52 22.60
C LYS A 185 4.68 0.20 22.35
N GLU A 186 3.89 1.20 21.95
CA GLU A 186 2.50 0.95 21.61
C GLU A 186 2.13 1.54 20.27
N PRO A 187 1.32 0.79 19.48
CA PRO A 187 0.76 1.22 18.22
C PRO A 187 0.13 2.59 18.27
N GLU A 188 0.56 3.45 17.37
CA GLU A 188 0.10 4.82 17.35
C GLU A 188 -1.05 4.93 16.38
N ILE A 189 -2.24 5.24 16.91
CA ILE A 189 -3.43 5.41 16.09
C ILE A 189 -3.57 6.89 15.84
N VAL A 190 -3.22 7.33 14.65
CA VAL A 190 -3.10 8.76 14.36
C VAL A 190 -4.08 9.23 13.30
N THR A 191 -4.90 10.21 13.67
CA THR A 191 -5.82 10.81 12.72
C THR A 191 -5.65 12.30 12.63
N PHE A 192 -6.22 12.89 11.59
CA PHE A 192 -6.37 14.34 11.53
C PHE A 192 -7.56 14.71 10.67
N ASN A 193 -8.27 15.76 11.10
CA ASN A 193 -9.50 16.16 10.45
C ASN A 193 -9.37 17.39 9.64
N THR A 194 -10.20 17.48 8.63
CA THR A 194 -10.11 18.55 7.66
C THR A 194 -11.52 18.96 7.22
N THR A 195 -11.58 20.07 6.49
CA THR A 195 -12.79 20.48 5.81
C THR A 195 -13.21 19.47 4.74
N PHE A 196 -12.25 18.64 4.29
CA PHE A 196 -12.52 17.60 3.27
C PHE A 196 -12.39 16.17 3.81
N GLY A 197 -12.78 15.96 5.07
CA GLY A 197 -12.91 14.62 5.62
C GLY A 197 -11.92 14.31 6.74
N SER A 198 -12.15 13.15 7.35
CA SER A 198 -11.30 12.64 8.40
C SER A 198 -10.28 11.69 7.79
N PHE A 199 -9.00 11.92 8.10
CA PHE A 199 -7.91 11.12 7.54
C PHE A 199 -7.21 10.33 8.60
N GLY A 200 -6.73 9.15 8.23
CA GLY A 200 -5.80 8.39 9.03
C GLY A 200 -4.52 8.21 8.24
N ILE A 201 -3.51 7.62 8.88
CA ILE A 201 -2.20 7.53 8.28
C ILE A 201 -1.38 6.36 8.83
N PHE A 202 -0.69 5.69 7.93
CA PHE A 202 0.31 4.72 8.30
C PHE A 202 1.28 4.54 7.14
N THR A 203 2.26 3.65 7.31
CA THR A 203 3.39 3.63 6.38
C THR A 203 3.67 2.23 5.85
N CYS A 204 3.86 2.16 4.53
CA CYS A 204 4.41 0.98 3.85
C CYS A 204 3.92 -0.35 4.42
N PHE A 205 4.81 -1.08 5.06
CA PHE A 205 4.49 -2.45 5.46
C PHE A 205 3.32 -2.56 6.47
N ASP A 206 2.88 -1.44 7.04
CA ASP A 206 1.76 -1.43 7.99
C ASP A 206 0.45 -1.97 7.39
N ILE A 207 0.25 -1.72 6.11
CA ILE A 207 -0.97 -2.12 5.42
C ILE A 207 -1.36 -3.61 5.64
N LEU A 208 -0.34 -4.46 5.79
CA LEU A 208 -0.54 -5.87 6.05
C LEU A 208 -0.89 -6.26 7.51
N PHE A 209 -1.07 -5.29 8.39
CA PHE A 209 -1.35 -5.62 9.79
C PHE A 209 -2.54 -4.89 10.32
N HIS A 210 -2.97 -5.33 11.51
CA HIS A 210 -4.17 -4.82 12.13
C HIS A 210 -3.94 -3.45 12.79
N ASP A 211 -2.79 -3.25 13.41
CA ASP A 211 -2.55 -2.01 14.11
C ASP A 211 -1.44 -1.22 13.45
N PRO A 212 -1.72 0.03 13.07
CA PRO A 212 -2.98 0.73 13.25
C PRO A 212 -3.96 0.63 12.07
N ALA A 213 -3.49 0.15 10.92
CA ALA A 213 -4.24 0.32 9.67
C ALA A 213 -5.71 -0.07 9.77
N VAL A 214 -6.00 -1.28 10.24
CA VAL A 214 -7.39 -1.72 10.37
C VAL A 214 -8.17 -0.92 11.39
N THR A 215 -7.58 -0.68 12.56
CA THR A 215 -8.29 0.02 13.62
C THR A 215 -8.74 1.41 13.17
N LEU A 216 -7.87 2.12 12.47
CA LEU A 216 -8.21 3.44 11.96
C LEU A 216 -9.54 3.45 11.21
N VAL A 217 -9.80 2.38 10.47
CA VAL A 217 -10.98 2.32 9.64
C VAL A 217 -12.14 1.78 10.45
N LYS A 218 -11.93 0.62 11.07
CA LYS A 218 -12.96 -0.04 11.84
C LYS A 218 -13.43 0.81 13.02
N ASP A 219 -12.49 1.40 13.75
CA ASP A 219 -12.80 2.06 15.01
C ASP A 219 -12.80 3.59 14.99
N PHE A 220 -12.14 4.20 14.03
CA PHE A 220 -12.15 5.66 13.96
C PHE A 220 -12.88 6.17 12.73
N HIS A 221 -13.32 5.27 11.85
CA HIS A 221 -14.13 5.64 10.69
C HIS A 221 -13.50 6.78 9.90
N VAL A 222 -12.25 6.59 9.50
CA VAL A 222 -11.63 7.60 8.67
C VAL A 222 -12.20 7.51 7.26
N ASP A 223 -12.29 8.65 6.59
CA ASP A 223 -12.74 8.71 5.21
C ASP A 223 -11.62 8.32 4.26
N THR A 224 -10.44 8.86 4.52
CA THR A 224 -9.29 8.71 3.64
C THR A 224 -8.02 8.29 4.38
N ILE A 225 -7.17 7.50 3.71
CA ILE A 225 -5.85 7.15 4.24
C ILE A 225 -4.81 7.81 3.38
N VAL A 226 -3.79 8.34 4.04
CA VAL A 226 -2.61 8.82 3.35
C VAL A 226 -1.51 7.84 3.69
N PHE A 227 -0.67 7.54 2.71
CA PHE A 227 0.16 6.37 2.79
C PHE A 227 1.49 6.55 2.08
N PRO A 228 2.47 7.13 2.77
CA PRO A 228 3.81 7.16 2.23
C PRO A 228 4.40 5.76 2.24
N THR A 229 5.15 5.43 1.21
CA THR A 229 5.68 4.09 1.10
C THR A 229 6.90 4.00 0.19
N ALA A 230 7.63 2.90 0.39
CA ALA A 230 8.75 2.52 -0.45
C ALA A 230 8.64 1.01 -0.51
N TRP A 231 8.06 0.53 -1.60
CA TRP A 231 7.47 -0.79 -1.65
C TRP A 231 8.11 -1.61 -2.74
N MET A 232 8.65 -2.76 -2.34
CA MET A 232 9.24 -3.69 -3.26
C MET A 232 8.14 -4.54 -3.85
N ASN A 233 7.99 -4.48 -5.17
CA ASN A 233 6.93 -5.20 -5.87
C ASN A 233 7.24 -6.69 -5.93
N VAL A 234 6.27 -7.48 -5.49
CA VAL A 234 6.37 -8.92 -5.47
C VAL A 234 5.10 -9.52 -6.05
N LEU A 235 5.21 -10.00 -7.28
CA LEU A 235 4.09 -10.67 -7.93
C LEU A 235 3.90 -12.06 -7.34
N PRO A 236 2.74 -12.67 -7.58
CA PRO A 236 1.58 -12.18 -8.32
C PRO A 236 0.66 -11.25 -7.53
N HIS A 237 0.79 -11.22 -6.19
CA HIS A 237 -0.22 -10.60 -5.31
C HIS A 237 0.17 -9.30 -4.64
N LEU A 238 1.45 -8.95 -4.61
CA LEU A 238 1.88 -7.75 -3.90
C LEU A 238 2.67 -6.81 -4.78
N SER A 239 2.15 -6.46 -5.94
CA SER A 239 2.63 -5.27 -6.60
C SER A 239 1.98 -4.12 -5.86
N ALA A 240 2.63 -2.97 -5.84
CA ALA A 240 2.14 -1.84 -5.04
C ALA A 240 0.73 -1.48 -5.47
N VAL A 241 0.59 -1.02 -6.70
CA VAL A 241 -0.71 -0.58 -7.18
C VAL A 241 -1.78 -1.66 -6.98
N GLU A 242 -1.44 -2.90 -7.29
CA GLU A 242 -2.37 -4.02 -7.19
C GLU A 242 -2.94 -4.14 -5.79
N PHE A 243 -2.06 -4.13 -4.80
CA PHE A 243 -2.48 -4.42 -3.45
C PHE A 243 -3.05 -3.23 -2.71
N HIS A 244 -2.42 -2.08 -2.91
CA HIS A 244 -2.87 -0.85 -2.29
C HIS A 244 -4.30 -0.48 -2.71
N SER A 245 -4.60 -0.54 -4.00
CA SER A 245 -5.96 -0.29 -4.45
C SER A 245 -6.95 -1.34 -3.90
N ALA A 246 -6.53 -2.58 -3.79
CA ALA A 246 -7.42 -3.62 -3.27
C ALA A 246 -7.72 -3.39 -1.80
N TRP A 247 -6.75 -2.85 -1.06
CA TRP A 247 -6.97 -2.56 0.34
C TRP A 247 -8.03 -1.46 0.48
N ALA A 248 -7.85 -0.41 -0.33
CA ALA A 248 -8.79 0.70 -0.39
C ALA A 248 -10.19 0.16 -0.52
N MET A 249 -10.35 -0.71 -1.52
CA MET A 249 -11.65 -1.25 -1.89
C MET A 249 -12.19 -2.12 -0.79
N GLY A 250 -11.32 -2.92 -0.19
CA GLY A 250 -11.73 -3.84 0.85
C GLY A 250 -12.14 -3.12 2.13
N MET A 251 -11.40 -2.07 2.49
CA MET A 251 -11.73 -1.29 3.69
C MET A 251 -12.68 -0.12 3.42
N ARG A 252 -12.96 0.14 2.15
CA ARG A 252 -13.96 1.12 1.73
C ARG A 252 -13.54 2.53 2.11
N VAL A 253 -12.30 2.89 1.76
CA VAL A 253 -11.77 4.22 1.99
C VAL A 253 -11.05 4.81 0.77
N ASN A 254 -10.99 6.13 0.69
CA ASN A 254 -10.07 6.76 -0.22
C ASN A 254 -8.67 6.41 0.26
N PHE A 255 -7.72 6.35 -0.65
CA PHE A 255 -6.39 5.89 -0.33
C PHE A 255 -5.36 6.56 -1.20
N LEU A 256 -4.42 7.29 -0.59
CA LEU A 256 -3.43 8.07 -1.32
C LEU A 256 -2.03 7.51 -1.09
N ALA A 257 -1.58 6.70 -2.05
CA ALA A 257 -0.32 6.00 -1.96
C ALA A 257 0.77 6.74 -2.73
N SER A 258 1.79 7.21 -1.99
CA SER A 258 2.95 7.87 -2.57
C SER A 258 4.16 6.96 -2.39
N ASN A 259 4.66 6.45 -3.51
CA ASN A 259 5.74 5.47 -3.51
C ASN A 259 7.04 6.09 -3.98
N ILE A 260 8.13 5.43 -3.63
CA ILE A 260 9.45 5.79 -4.14
C ILE A 260 9.60 5.25 -5.55
N HIS A 261 10.36 5.98 -6.37
CA HIS A 261 10.69 5.54 -7.71
C HIS A 261 12.10 5.01 -7.74
N TYR A 262 12.24 3.69 -7.80
CA TYR A 262 13.57 3.09 -7.83
C TYR A 262 13.49 1.70 -8.45
N PRO A 263 13.42 1.66 -9.78
CA PRO A 263 13.20 0.42 -10.52
C PRO A 263 14.27 -0.59 -10.16
N SER A 264 15.50 -0.11 -10.11
CA SER A 264 16.63 -0.86 -9.60
C SER A 264 16.31 -1.79 -8.38
N LYS A 265 15.38 -1.38 -7.50
CA LYS A 265 14.94 -2.21 -6.37
C LYS A 265 13.47 -2.60 -6.45
N LYS A 266 12.91 -2.62 -7.66
CA LYS A 266 11.51 -2.97 -7.87
C LYS A 266 10.53 -2.11 -7.07
N MET A 267 10.85 -0.83 -6.97
CA MET A 267 10.02 0.10 -6.24
C MET A 267 9.38 0.99 -7.26
N THR A 268 8.07 0.84 -7.42
CA THR A 268 7.31 1.72 -8.27
C THR A 268 5.88 1.27 -8.23
N GLY A 269 4.98 2.25 -8.24
CA GLY A 269 3.56 1.98 -8.06
C GLY A 269 2.97 2.92 -7.05
N SER A 270 2.56 4.09 -7.52
CA SER A 270 1.84 5.07 -6.71
C SER A 270 0.45 5.24 -7.29
N GLY A 271 -0.46 5.76 -6.48
CA GLY A 271 -1.79 6.03 -6.99
C GLY A 271 -2.74 6.72 -6.04
N ILE A 272 -3.96 6.87 -6.53
CA ILE A 272 -5.03 7.47 -5.80
C ILE A 272 -6.21 6.53 -6.04
N TYR A 273 -6.70 5.95 -4.96
CA TYR A 273 -7.69 4.90 -5.04
C TYR A 273 -8.90 5.29 -4.22
N ALA A 274 -10.07 4.96 -4.75
CA ALA A 274 -11.35 5.15 -4.06
C ALA A 274 -11.94 3.78 -3.81
N PRO A 275 -12.97 3.71 -2.95
CA PRO A 275 -13.57 2.41 -2.66
C PRO A 275 -14.01 1.66 -3.89
N ASN A 276 -14.54 2.35 -4.89
CA ASN A 276 -15.07 1.65 -6.06
C ASN A 276 -14.05 1.43 -7.19
N SER A 277 -12.97 2.20 -7.21
CA SER A 277 -12.08 2.13 -8.34
C SER A 277 -10.81 2.92 -8.10
N SER A 278 -9.76 2.53 -8.82
CA SER A 278 -8.61 3.39 -8.96
C SER A 278 -9.07 4.65 -9.67
N ARG A 279 -8.43 5.75 -9.32
CA ARG A 279 -8.71 7.01 -9.95
C ARG A 279 -7.51 7.47 -10.75
N ALA A 280 -6.32 7.14 -10.27
CA ALA A 280 -5.09 7.38 -11.01
C ALA A 280 -4.02 6.43 -10.50
N PHE A 281 -3.16 5.99 -11.39
CA PHE A 281 -2.03 5.18 -10.96
C PHE A 281 -0.85 5.33 -11.89
N HIS A 282 0.33 5.04 -11.36
CA HIS A 282 1.54 5.09 -12.12
C HIS A 282 2.39 3.90 -11.79
N TYR A 283 2.87 3.22 -12.81
CA TYR A 283 3.83 2.14 -12.66
C TYR A 283 4.80 2.33 -13.78
N ASP A 284 6.07 2.44 -13.47
CA ASP A 284 7.08 2.62 -14.50
C ASP A 284 8.38 2.02 -14.05
N MET A 285 8.83 1.02 -14.80
CA MET A 285 10.06 0.32 -14.50
C MET A 285 11.14 0.67 -15.53
N LYS A 286 10.83 1.56 -16.47
CA LYS A 286 11.71 1.81 -17.61
C LYS A 286 12.50 3.09 -17.55
N THR A 287 12.05 4.08 -16.79
CA THR A 287 12.75 5.37 -16.75
C THR A 287 13.13 5.67 -15.33
N GLU A 288 13.78 6.81 -15.11
CA GLU A 288 14.17 7.20 -13.76
C GLU A 288 13.59 8.52 -13.32
N GLU A 289 12.54 8.95 -13.99
CA GLU A 289 11.88 10.19 -13.61
C GLU A 289 10.70 9.85 -12.72
N GLY A 290 10.34 10.82 -11.88
CA GLY A 290 9.24 10.67 -10.95
C GLY A 290 7.96 11.15 -11.58
N LYS A 291 6.88 11.21 -10.80
CA LYS A 291 5.56 11.45 -11.36
C LYS A 291 4.59 12.02 -10.33
N LEU A 292 3.84 13.04 -10.75
CA LEU A 292 2.80 13.64 -9.96
C LEU A 292 1.45 13.18 -10.46
N LEU A 293 0.61 12.70 -9.55
CA LEU A 293 -0.77 12.29 -9.88
C LEU A 293 -1.81 13.15 -9.17
N LEU A 294 -2.98 13.30 -9.80
CA LEU A 294 -4.05 14.14 -9.27
C LEU A 294 -5.42 13.55 -9.56
N SER A 295 -6.37 13.78 -8.67
CA SER A 295 -7.73 13.38 -8.92
C SER A 295 -8.65 13.96 -7.87
N GLN A 296 -9.83 14.37 -8.33
CA GLN A 296 -10.85 14.86 -7.44
C GLN A 296 -11.45 13.66 -6.75
N LEU A 297 -11.74 13.76 -5.46
CA LEU A 297 -12.34 12.68 -4.70
C LEU A 297 -13.48 13.24 -3.90
N ASP A 298 -14.31 12.35 -3.34
CA ASP A 298 -15.40 12.76 -2.49
C ASP A 298 -14.87 12.74 -1.09
N SER A 299 -15.23 13.74 -0.31
CA SER A 299 -14.72 13.84 1.04
C SER A 299 -15.19 12.66 1.88
N HIS A 300 -16.47 12.34 1.78
CA HIS A 300 -17.02 11.15 2.42
C HIS A 300 -17.36 10.22 1.27
N PRO A 301 -16.47 9.25 0.98
CA PRO A 301 -16.51 8.57 -0.31
C PRO A 301 -17.61 7.52 -0.38
N SER A 302 -18.17 7.31 -1.59
CA SER A 302 -19.26 6.34 -1.78
C SER A 302 -18.68 4.94 -1.94
N HIS A 303 -19.34 4.00 -1.26
CA HIS A 303 -18.84 2.66 -1.04
C HIS A 303 -19.97 1.64 -1.02
N SER A 304 -19.62 0.38 -1.25
CA SER A 304 -20.55 -0.73 -1.08
C SER A 304 -20.87 -0.90 0.41
N ALA A 305 -22.10 -1.33 0.71
CA ALA A 305 -22.47 -1.66 2.08
C ALA A 305 -21.67 -2.89 2.52
N VAL A 306 -21.77 -3.28 3.79
CA VAL A 306 -20.82 -4.28 4.32
C VAL A 306 -20.92 -5.61 3.55
N VAL A 307 -19.76 -6.18 3.25
CA VAL A 307 -19.67 -7.43 2.52
C VAL A 307 -19.50 -8.64 3.46
N ASN A 308 -20.37 -9.62 3.33
CA ASN A 308 -20.17 -10.90 3.99
C ASN A 308 -19.46 -11.81 3.00
N TRP A 309 -18.18 -12.03 3.24
CA TRP A 309 -17.30 -12.67 2.26
C TRP A 309 -17.49 -14.18 2.10
N THR A 310 -18.08 -14.80 3.11
CA THR A 310 -18.32 -16.23 3.06
C THR A 310 -19.74 -16.60 2.65
N SER A 311 -20.62 -15.60 2.59
CA SER A 311 -22.06 -15.84 2.38
C SER A 311 -22.37 -16.68 1.15
N TYR A 312 -21.97 -16.17 0.00
CA TYR A 312 -22.23 -16.81 -1.27
C TYR A 312 -21.56 -18.16 -1.40
N ALA A 313 -20.26 -18.18 -1.17
CA ALA A 313 -19.45 -19.38 -1.34
C ALA A 313 -19.88 -20.54 -0.41
N SER A 314 -20.51 -20.22 0.72
CA SER A 314 -21.01 -21.24 1.66
C SER A 314 -22.40 -21.76 1.31
N SER A 315 -23.12 -21.05 0.45
CA SER A 315 -24.47 -21.46 0.06
C SER A 315 -24.54 -22.47 -1.12
N ILE A 316 -23.39 -22.80 -1.72
CA ILE A 316 -23.39 -23.62 -2.93
C ILE A 316 -22.52 -24.86 -2.78
N GLU A 317 -22.74 -25.85 -3.64
CA GLU A 317 -21.89 -27.03 -3.69
C GLU A 317 -20.80 -26.83 -4.73
N ALA A 318 -19.79 -27.69 -4.67
CA ALA A 318 -18.57 -27.55 -5.48
C ALA A 318 -18.87 -27.54 -6.97
N LEU A 319 -18.23 -26.63 -7.70
CA LEU A 319 -18.49 -26.45 -9.14
C LEU A 319 -17.76 -27.45 -10.04
N SER A 320 -16.84 -28.21 -9.46
CA SER A 320 -16.21 -29.35 -10.12
C SER A 320 -15.81 -30.38 -9.05
N SER A 321 -15.49 -31.59 -9.48
CA SER A 321 -14.91 -32.59 -8.57
C SER A 321 -14.08 -33.60 -9.37
N GLY A 322 -13.43 -34.52 -8.67
CA GLY A 322 -12.46 -35.41 -9.30
C GLY A 322 -11.40 -34.53 -9.94
N ASN A 323 -10.95 -33.55 -9.15
CA ASN A 323 -10.00 -32.58 -9.63
C ASN A 323 -8.60 -33.18 -9.65
N LYS A 324 -7.81 -32.76 -10.63
CA LYS A 324 -6.39 -33.05 -10.67
C LYS A 324 -5.63 -31.92 -9.96
N GLU A 325 -5.52 -32.05 -8.64
CA GLU A 325 -4.95 -30.98 -7.83
C GLU A 325 -3.44 -31.09 -7.75
N PHE A 326 -2.77 -29.99 -7.46
CA PHE A 326 -1.33 -30.02 -7.33
C PHE A 326 -0.83 -28.87 -6.49
N LYS A 327 0.42 -28.95 -6.06
CA LYS A 327 0.98 -27.92 -5.20
C LYS A 327 1.80 -26.96 -6.01
N GLY A 328 1.66 -25.68 -5.70
CA GLY A 328 2.42 -24.62 -6.34
C GLY A 328 2.87 -23.63 -5.29
N THR A 329 4.00 -23.00 -5.54
CA THR A 329 4.58 -22.08 -4.59
C THR A 329 4.35 -20.65 -5.06
N VAL A 330 3.49 -19.97 -4.30
CA VAL A 330 3.23 -18.55 -4.48
C VAL A 330 3.86 -17.81 -3.32
N PHE A 331 4.92 -17.06 -3.61
CA PHE A 331 5.62 -16.30 -2.58
C PHE A 331 5.86 -17.15 -1.33
N PHE A 332 6.59 -18.24 -1.52
CA PHE A 332 7.02 -19.10 -0.43
C PHE A 332 5.90 -19.80 0.33
N ASP A 333 4.69 -19.77 -0.23
CA ASP A 333 3.55 -20.45 0.37
C ASP A 333 3.08 -21.54 -0.57
N GLU A 334 2.66 -22.66 0.02
CA GLU A 334 2.29 -23.83 -0.75
C GLU A 334 0.76 -23.88 -0.92
N PHE A 335 0.32 -23.46 -2.09
CA PHE A 335 -1.09 -23.44 -2.46
C PHE A 335 -1.53 -24.79 -2.99
N THR A 336 -2.85 -24.97 -3.08
CA THR A 336 -3.44 -26.08 -3.81
C THR A 336 -4.07 -25.55 -5.08
N PHE A 337 -3.61 -26.06 -6.21
CA PHE A 337 -4.03 -25.58 -7.51
C PHE A 337 -4.81 -26.59 -8.30
N VAL A 338 -5.46 -26.09 -9.34
CA VAL A 338 -6.15 -26.93 -10.31
C VAL A 338 -6.02 -26.22 -11.66
N LYS A 339 -5.60 -26.94 -12.69
CA LYS A 339 -5.47 -26.35 -14.00
C LYS A 339 -6.83 -25.97 -14.55
N LEU A 340 -6.86 -24.87 -15.30
CA LEU A 340 -8.06 -24.41 -16.00
C LEU A 340 -7.96 -24.90 -17.42
N THR A 341 -8.83 -25.85 -17.76
CA THR A 341 -8.71 -26.61 -19.00
C THR A 341 -9.50 -25.98 -20.13
N GLY A 342 -10.77 -25.70 -19.89
CA GLY A 342 -11.62 -25.13 -20.93
C GLY A 342 -11.32 -23.68 -21.28
N VAL A 343 -11.94 -23.21 -22.35
CA VAL A 343 -12.01 -21.78 -22.67
C VAL A 343 -13.16 -21.15 -21.84
N ALA A 344 -14.00 -22.01 -21.29
CA ALA A 344 -14.88 -21.63 -20.21
C ALA A 344 -14.95 -22.76 -19.18
N GLY A 345 -15.62 -22.54 -18.06
CA GLY A 345 -15.70 -23.56 -17.03
C GLY A 345 -16.04 -23.03 -15.66
N ASN A 346 -16.31 -23.97 -14.75
CA ASN A 346 -16.48 -23.69 -13.33
C ASN A 346 -15.65 -24.67 -12.57
N TYR A 347 -14.84 -24.17 -11.66
CA TYR A 347 -14.03 -25.00 -10.82
C TYR A 347 -14.20 -24.61 -9.37
N THR A 348 -13.84 -25.54 -8.48
CA THR A 348 -13.75 -25.30 -7.06
C THR A 348 -12.47 -25.97 -6.59
N VAL A 349 -11.82 -25.36 -5.60
CA VAL A 349 -10.60 -25.91 -5.06
C VAL A 349 -10.54 -25.56 -3.58
N CYS A 350 -10.11 -26.51 -2.75
CA CYS A 350 -10.06 -26.30 -1.31
C CYS A 350 -8.66 -26.45 -0.79
N GLN A 351 -8.43 -25.87 0.37
CA GLN A 351 -7.29 -26.19 1.20
C GLN A 351 -7.74 -25.91 2.61
N LYS A 352 -7.70 -26.94 3.45
CA LYS A 352 -8.20 -26.86 4.83
C LYS A 352 -9.61 -26.25 4.89
N ASP A 353 -9.77 -25.06 5.49
CA ASP A 353 -11.09 -24.47 5.68
C ASP A 353 -11.57 -23.58 4.55
N LEU A 354 -10.74 -23.40 3.52
CA LEU A 354 -11.09 -22.47 2.47
C LEU A 354 -11.47 -23.24 1.23
N CYS A 355 -12.58 -22.85 0.61
CA CYS A 355 -12.97 -23.32 -0.72
C CYS A 355 -13.11 -22.14 -1.65
N CYS A 356 -12.40 -22.19 -2.76
CA CYS A 356 -12.46 -21.13 -3.74
C CYS A 356 -13.28 -21.59 -4.93
N HIS A 357 -14.23 -20.77 -5.36
CA HIS A 357 -15.11 -21.07 -6.47
C HIS A 357 -14.87 -20.08 -7.58
N LEU A 358 -14.59 -20.58 -8.78
CA LEU A 358 -14.43 -19.73 -9.95
C LEU A 358 -15.35 -20.17 -11.07
N SER A 359 -16.13 -19.22 -11.60
CA SER A 359 -16.77 -19.35 -12.92
C SER A 359 -16.05 -18.36 -13.83
N TYR A 360 -15.84 -18.74 -15.07
CA TYR A 360 -15.13 -17.87 -16.02
C TYR A 360 -15.44 -18.22 -17.45
N LYS A 361 -14.94 -17.36 -18.32
CA LYS A 361 -15.01 -17.52 -19.75
C LYS A 361 -13.99 -16.57 -20.34
N MET A 362 -13.08 -17.10 -21.14
CA MET A 362 -12.03 -16.28 -21.73
C MET A 362 -12.55 -15.70 -23.03
N SER A 363 -11.89 -14.65 -23.52
CA SER A 363 -12.25 -14.06 -24.81
C SER A 363 -11.90 -15.04 -25.91
N GLU A 364 -10.73 -15.64 -25.77
CA GLU A 364 -10.30 -16.76 -26.61
C GLU A 364 -9.19 -17.54 -25.92
N ASN A 365 -8.97 -18.78 -26.34
CA ASN A 365 -7.89 -19.53 -25.76
C ASN A 365 -6.60 -19.13 -26.45
N ILE A 366 -5.69 -18.57 -25.67
CA ILE A 366 -4.32 -18.43 -26.12
C ILE A 366 -3.70 -19.79 -25.88
N PRO A 367 -3.16 -20.42 -26.94
CA PRO A 367 -2.77 -21.84 -26.88
C PRO A 367 -1.75 -22.16 -25.77
N ASN A 368 -0.78 -21.28 -25.62
CA ASN A 368 0.43 -21.51 -24.84
C ASN A 368 0.42 -20.72 -23.53
N GLU A 369 -0.76 -20.57 -22.94
CA GLU A 369 -0.91 -19.88 -21.69
C GLU A 369 -1.86 -20.68 -20.84
N VAL A 370 -1.38 -21.09 -19.68
CA VAL A 370 -2.17 -21.87 -18.78
C VAL A 370 -2.61 -20.95 -17.67
N TYR A 371 -3.83 -21.16 -17.17
CA TYR A 371 -4.31 -20.51 -15.96
C TYR A 371 -4.63 -21.58 -14.94
N ALA A 372 -4.62 -21.19 -13.67
CA ALA A 372 -4.97 -22.09 -12.58
C ALA A 372 -5.67 -21.33 -11.50
N LEU A 373 -6.54 -22.04 -10.79
CA LEU A 373 -7.23 -21.52 -9.64
C LEU A 373 -6.59 -22.12 -8.42
N GLY A 374 -6.20 -21.29 -7.45
CA GLY A 374 -5.43 -21.75 -6.29
C GLY A 374 -6.01 -21.32 -4.96
N ALA A 375 -5.81 -22.16 -3.94
CA ALA A 375 -6.29 -21.91 -2.58
C ALA A 375 -5.17 -22.06 -1.55
N PHE A 376 -5.11 -21.13 -0.61
CA PHE A 376 -4.16 -21.20 0.48
C PHE A 376 -4.83 -20.83 1.79
N ASP A 377 -4.58 -21.61 2.83
CA ASP A 377 -5.11 -21.35 4.15
C ASP A 377 -3.99 -21.66 5.10
N GLY A 378 -3.26 -20.63 5.53
CA GLY A 378 -2.13 -20.86 6.39
C GLY A 378 -1.32 -19.64 6.75
N LEU A 379 -0.30 -19.88 7.56
CA LEU A 379 0.56 -18.85 8.07
C LEU A 379 1.73 -18.56 7.14
N HIS A 380 1.83 -17.31 6.70
CA HIS A 380 3.02 -16.85 6.02
C HIS A 380 4.09 -16.61 7.06
N THR A 381 5.36 -16.78 6.67
CA THR A 381 6.50 -16.72 7.60
C THR A 381 7.76 -15.99 7.07
N VAL A 382 7.95 -16.00 5.77
CA VAL A 382 9.11 -15.35 5.18
C VAL A 382 8.96 -13.83 5.18
N GLU A 383 9.92 -13.14 5.81
CA GLU A 383 9.99 -11.67 5.81
C GLU A 383 8.71 -11.02 6.33
N GLY A 384 8.19 -11.65 7.38
CA GLY A 384 6.93 -11.26 7.95
C GLY A 384 6.19 -12.52 8.33
N ARG A 385 5.59 -12.50 9.52
CA ARG A 385 4.81 -13.61 10.03
C ARG A 385 3.34 -13.16 10.18
N TYR A 386 2.48 -13.68 9.31
CA TYR A 386 1.05 -13.30 9.30
C TYR A 386 0.18 -14.35 8.61
N TYR A 387 -1.05 -14.51 9.10
CA TYR A 387 -1.91 -15.59 8.63
C TYR A 387 -2.76 -15.19 7.41
N LEU A 388 -2.78 -16.05 6.41
CA LEU A 388 -3.48 -15.77 5.15
C LEU A 388 -4.58 -16.78 4.83
N GLN A 389 -5.56 -16.30 4.06
CA GLN A 389 -6.48 -17.14 3.32
C GLN A 389 -6.62 -16.50 1.94
N ILE A 390 -6.28 -17.24 0.89
CA ILE A 390 -6.30 -16.66 -0.46
C ILE A 390 -6.98 -17.54 -1.50
N CYS A 391 -7.85 -16.93 -2.31
CA CYS A 391 -8.32 -17.53 -3.55
C CYS A 391 -7.71 -16.74 -4.66
N THR A 392 -7.12 -17.39 -5.62
CA THR A 392 -6.55 -16.66 -6.72
C THR A 392 -6.66 -17.41 -8.00
N LEU A 393 -6.98 -16.64 -9.03
CA LEU A 393 -6.89 -17.09 -10.40
C LEU A 393 -5.66 -16.41 -10.85
N LEU A 394 -4.75 -17.15 -11.48
CA LEU A 394 -3.58 -16.51 -12.01
C LEU A 394 -3.02 -17.23 -13.22
N LYS A 395 -2.30 -16.45 -14.01
CA LYS A 395 -1.61 -16.92 -15.18
C LYS A 395 -0.32 -17.56 -14.70
N CYS A 396 -0.04 -18.76 -15.19
CA CYS A 396 1.17 -19.45 -14.79
C CYS A 396 2.36 -18.93 -15.60
N LYS A 397 3.49 -18.73 -14.93
CA LYS A 397 4.64 -18.09 -15.56
C LYS A 397 4.88 -18.76 -16.91
N THR A 398 4.95 -20.10 -16.88
CA THR A 398 5.11 -20.93 -18.07
C THR A 398 4.05 -22.02 -18.13
N THR A 399 4.04 -22.79 -19.22
CA THR A 399 3.08 -23.89 -19.34
C THR A 399 3.39 -25.06 -18.40
N ASN A 400 4.57 -25.02 -17.80
CA ASN A 400 4.91 -25.96 -16.75
C ASN A 400 4.16 -25.58 -15.48
N LEU A 401 3.32 -26.48 -14.99
CA LEU A 401 2.51 -26.18 -13.83
C LEU A 401 3.30 -26.04 -12.54
N ASN A 402 4.58 -26.39 -12.54
CA ASN A 402 5.41 -26.16 -11.36
C ASN A 402 5.71 -24.69 -11.19
N THR A 403 5.54 -23.91 -12.25
CA THR A 403 5.74 -22.46 -12.19
C THR A 403 4.48 -21.67 -11.83
N CYS A 404 3.34 -22.33 -11.63
CA CYS A 404 2.12 -21.64 -11.23
C CYS A 404 2.32 -21.03 -9.85
N GLY A 405 2.24 -19.71 -9.79
CA GLY A 405 2.46 -18.95 -8.56
C GLY A 405 3.72 -18.11 -8.62
N ASP A 406 4.58 -18.39 -9.61
CA ASP A 406 5.83 -17.67 -9.73
C ASP A 406 5.51 -16.32 -10.37
N SER A 407 6.32 -15.33 -10.09
CA SER A 407 6.20 -14.00 -10.69
C SER A 407 6.04 -14.05 -12.24
N ALA A 408 5.09 -13.29 -12.80
CA ALA A 408 4.81 -13.24 -14.24
C ALA A 408 4.37 -11.85 -14.74
N GLU A 409 5.22 -11.17 -15.51
CA GLU A 409 4.93 -9.79 -15.97
C GLU A 409 3.75 -9.64 -16.93
N THR A 410 3.63 -10.54 -17.90
CA THR A 410 2.75 -10.32 -19.06
C THR A 410 1.86 -11.50 -19.39
N ALA A 411 0.84 -11.23 -20.18
CA ALA A 411 -0.14 -12.24 -20.59
C ALA A 411 -0.81 -11.78 -21.88
N SER A 412 -1.61 -12.66 -22.47
CA SER A 412 -2.34 -12.35 -23.70
C SER A 412 -3.83 -12.69 -23.61
N THR A 413 -4.24 -13.41 -22.57
CA THR A 413 -5.59 -13.94 -22.48
C THR A 413 -6.54 -12.95 -21.81
N ARG A 414 -7.35 -12.26 -22.61
CA ARG A 414 -8.42 -11.44 -22.07
C ARG A 414 -9.49 -12.36 -21.52
N PHE A 415 -10.38 -11.83 -20.69
CA PHE A 415 -11.50 -12.61 -20.19
C PHE A 415 -12.82 -11.93 -20.49
N GLU A 416 -13.85 -12.75 -20.72
CA GLU A 416 -15.18 -12.25 -21.02
C GLU A 416 -15.94 -12.04 -19.70
N MET A 417 -15.90 -13.03 -18.82
CA MET A 417 -16.44 -12.90 -17.48
C MET A 417 -15.54 -13.61 -16.48
N PHE A 418 -15.68 -13.22 -15.22
CA PHE A 418 -15.23 -14.07 -14.12
C PHE A 418 -16.04 -13.81 -12.86
N SER A 419 -16.01 -14.80 -11.97
CA SER A 419 -16.70 -14.70 -10.72
C SER A 419 -15.98 -15.59 -9.72
N LEU A 420 -15.41 -14.96 -8.70
CA LEU A 420 -14.57 -15.63 -7.75
C LEU A 420 -15.12 -15.43 -6.36
N SER A 421 -15.05 -16.45 -5.52
CA SER A 421 -15.55 -16.36 -4.16
C SER A 421 -14.96 -17.46 -3.33
N GLY A 422 -14.97 -17.29 -2.01
CA GLY A 422 -14.39 -18.27 -1.12
C GLY A 422 -15.03 -18.31 0.25
N THR A 423 -14.84 -19.42 0.95
CA THR A 423 -15.43 -19.60 2.27
C THR A 423 -14.51 -19.03 3.35
N PHE A 424 -14.34 -17.71 3.32
CA PHE A 424 -13.37 -17.05 4.18
C PHE A 424 -13.87 -17.01 5.61
N GLY A 425 -12.98 -17.28 6.57
CA GLY A 425 -13.26 -17.06 7.99
C GLY A 425 -12.65 -15.75 8.49
N THR A 426 -12.82 -14.67 7.73
CA THR A 426 -12.42 -13.33 8.13
C THR A 426 -13.32 -12.37 7.40
N GLN A 427 -13.56 -11.22 7.98
CA GLN A 427 -14.35 -10.21 7.29
C GLN A 427 -13.40 -9.24 6.55
N TYR A 428 -12.10 -9.49 6.64
CA TYR A 428 -11.10 -8.62 6.03
C TYR A 428 -10.43 -9.26 4.81
N VAL A 429 -11.00 -8.99 3.64
CA VAL A 429 -10.55 -9.54 2.38
C VAL A 429 -10.40 -8.42 1.37
N PHE A 430 -9.37 -8.50 0.52
CA PHE A 430 -9.05 -7.43 -0.39
C PHE A 430 -9.05 -7.91 -1.83
N PRO A 431 -9.98 -7.40 -2.65
CA PRO A 431 -10.14 -7.82 -4.03
C PRO A 431 -9.10 -7.21 -4.96
N GLU A 432 -8.20 -8.05 -5.45
CA GLU A 432 -7.18 -7.63 -6.38
C GLU A 432 -7.53 -8.08 -7.78
N VAL A 433 -7.19 -7.22 -8.75
CA VAL A 433 -7.18 -7.59 -10.15
C VAL A 433 -6.00 -6.91 -10.83
N LEU A 434 -5.23 -7.69 -11.56
CA LEU A 434 -4.09 -7.14 -12.27
C LEU A 434 -3.99 -7.65 -13.69
N LEU A 435 -3.68 -6.72 -14.58
CA LEU A 435 -3.55 -6.97 -15.99
C LEU A 435 -2.10 -6.93 -16.44
N SER A 436 -1.86 -7.51 -17.61
CA SER A 436 -0.51 -7.58 -18.18
C SER A 436 0.16 -6.21 -18.18
N GLU A 437 1.46 -6.23 -17.91
CA GLU A 437 2.28 -5.03 -17.79
C GLU A 437 1.90 -4.23 -16.55
N ASN A 438 1.36 -4.93 -15.54
CA ASN A 438 1.17 -4.37 -14.20
C ASN A 438 0.17 -3.19 -14.21
N GLN A 439 -0.87 -3.35 -15.02
CA GLN A 439 -1.89 -2.35 -15.20
C GLN A 439 -3.10 -2.74 -14.39
N LEU A 440 -3.65 -1.79 -13.65
CA LEU A 440 -4.92 -2.01 -12.96
C LEU A 440 -6.08 -2.05 -13.95
N ALA A 441 -7.24 -2.47 -13.46
CA ALA A 441 -8.43 -2.61 -14.29
C ALA A 441 -9.57 -1.79 -13.70
N PRO A 442 -9.41 -0.46 -13.70
CA PRO A 442 -10.35 0.42 -13.00
C PRO A 442 -11.80 0.27 -13.52
N GLY A 443 -12.72 -0.07 -12.63
CA GLY A 443 -14.14 -0.14 -12.95
C GLY A 443 -14.56 -1.29 -13.88
N GLU A 444 -13.67 -2.24 -14.06
CA GLU A 444 -13.94 -3.38 -14.90
C GLU A 444 -14.43 -4.56 -14.08
N PHE A 445 -14.51 -4.37 -12.76
CA PHE A 445 -15.06 -5.40 -11.87
C PHE A 445 -15.71 -4.75 -10.66
N GLN A 446 -16.34 -5.58 -9.83
CA GLN A 446 -16.96 -5.11 -8.61
C GLN A 446 -17.24 -6.29 -7.71
N VAL A 447 -17.48 -5.99 -6.45
CA VAL A 447 -17.74 -7.00 -5.45
C VAL A 447 -19.19 -6.98 -4.98
N SER A 448 -19.79 -8.16 -4.86
CA SER A 448 -21.18 -8.25 -4.42
C SER A 448 -21.24 -8.26 -2.90
N THR A 449 -22.44 -8.12 -2.36
CA THR A 449 -22.62 -8.17 -0.92
C THR A 449 -22.23 -9.51 -0.30
N ASP A 450 -22.34 -10.58 -1.09
CA ASP A 450 -22.14 -11.95 -0.58
C ASP A 450 -20.75 -12.51 -0.92
N GLY A 451 -19.88 -11.65 -1.45
CA GLY A 451 -18.46 -11.95 -1.51
C GLY A 451 -17.95 -12.35 -2.87
N ARG A 452 -18.81 -12.32 -3.88
CA ARG A 452 -18.35 -12.60 -5.24
C ARG A 452 -17.58 -11.41 -5.81
N LEU A 453 -16.45 -11.71 -6.41
CA LEU A 453 -15.68 -10.74 -7.15
C LEU A 453 -15.93 -11.11 -8.58
N PHE A 454 -16.59 -10.22 -9.33
CA PHE A 454 -17.09 -10.56 -10.63
C PHE A 454 -16.86 -9.47 -11.64
N SER A 455 -16.60 -9.86 -12.87
CA SER A 455 -16.33 -8.90 -13.93
C SER A 455 -17.62 -8.15 -14.25
N LEU A 456 -17.47 -6.92 -14.73
CA LEU A 456 -18.58 -6.11 -15.23
C LEU A 456 -18.63 -6.07 -16.75
N LYS A 457 -17.57 -6.56 -17.38
CA LYS A 457 -17.45 -6.54 -18.84
C LYS A 457 -16.22 -7.35 -19.17
N PRO A 458 -15.98 -7.59 -20.47
CA PRO A 458 -14.69 -8.09 -20.93
C PRO A 458 -13.53 -7.20 -20.48
N THR A 459 -12.44 -7.83 -20.07
CA THR A 459 -11.28 -7.09 -19.56
C THR A 459 -10.67 -6.27 -20.71
N SER A 460 -10.17 -5.09 -20.40
CA SER A 460 -9.60 -4.21 -21.41
C SER A 460 -8.19 -4.65 -21.80
N GLY A 461 -7.67 -5.65 -21.09
CA GLY A 461 -6.38 -6.23 -21.42
C GLY A 461 -6.21 -7.63 -20.82
N PRO A 462 -5.12 -8.31 -21.22
CA PRO A 462 -4.84 -9.64 -20.71
C PRO A 462 -4.77 -9.66 -19.19
N VAL A 463 -5.17 -10.77 -18.59
CA VAL A 463 -5.21 -10.87 -17.13
C VAL A 463 -3.99 -11.59 -16.58
N LEU A 464 -3.43 -11.08 -15.49
CA LEU A 464 -2.37 -11.75 -14.74
C LEU A 464 -2.93 -12.48 -13.54
N THR A 465 -3.82 -11.83 -12.83
CA THR A 465 -4.49 -12.47 -11.73
C THR A 465 -5.76 -11.75 -11.34
N VAL A 466 -6.63 -12.50 -10.69
CA VAL A 466 -7.80 -11.99 -10.05
C VAL A 466 -7.84 -12.72 -8.72
N THR A 467 -7.69 -11.98 -7.63
CA THR A 467 -7.43 -12.63 -6.37
C THR A 467 -8.29 -12.03 -5.27
N LEU A 468 -8.68 -12.90 -4.34
CA LEU A 468 -9.26 -12.46 -3.08
C LEU A 468 -8.25 -12.75 -1.98
N PHE A 469 -7.67 -11.69 -1.44
CA PHE A 469 -6.58 -11.74 -0.47
C PHE A 469 -7.14 -11.57 0.94
N GLY A 470 -7.30 -12.68 1.64
CA GLY A 470 -7.87 -12.68 2.99
C GLY A 470 -6.79 -12.62 4.03
N ARG A 471 -7.17 -12.28 5.25
CA ARG A 471 -6.20 -11.94 6.26
C ARG A 471 -6.84 -12.11 7.66
N LEU A 472 -6.29 -13.06 8.43
CA LEU A 472 -6.86 -13.44 9.73
C LEU A 472 -5.88 -12.96 10.77
N TYR A 473 -6.13 -11.75 11.23
CA TYR A 473 -5.14 -11.03 12.00
C TYR A 473 -4.85 -11.73 13.32
N GLU A 474 -5.87 -12.39 13.87
CA GLU A 474 -5.78 -13.10 15.16
C GLU A 474 -4.84 -14.29 15.11
N LYS A 475 -4.84 -15.00 13.99
CA LYS A 475 -4.02 -16.19 13.85
C LYS A 475 -2.56 -15.88 13.50
N ASP A 476 -2.16 -14.62 13.63
CA ASP A 476 -0.75 -14.26 13.47
C ASP A 476 0.03 -14.75 14.67
C1 NAG B . -12.91 14.01 13.17
C2 NAG B . -14.31 13.42 13.30
C3 NAG B . -14.49 12.84 14.71
C4 NAG B . -13.22 12.14 15.25
C5 NAG B . -11.97 13.00 15.04
C6 NAG B . -10.61 12.43 15.46
C7 NAG B . -16.49 14.38 12.46
C8 NAG B . -17.14 13.04 12.24
N2 NAG B . -15.24 14.50 12.94
O3 NAG B . -15.56 11.92 14.67
O4 NAG B . -13.35 11.80 16.62
O5 NAG B . -11.92 13.13 13.64
O6 NAG B . -9.76 13.52 15.79
O7 NAG B . -17.13 15.39 12.21
C1 NAG B . -13.20 10.38 16.85
C2 NAG B . -12.86 10.16 18.33
C3 NAG B . -13.07 8.70 18.76
C4 NAG B . -14.30 8.05 18.10
C5 NAG B . -14.25 8.27 16.59
C6 NAG B . -15.33 7.54 15.79
C7 NAG B . -10.57 10.27 19.40
C8 NAG B . -9.28 11.05 19.42
N2 NAG B . -11.52 10.71 18.55
O3 NAG B . -13.19 8.61 20.17
O4 NAG B . -14.31 6.67 18.42
O5 NAG B . -14.35 9.67 16.42
O6 NAG B . -16.61 8.08 15.98
O7 NAG B . -10.68 9.30 20.13
C1 NAG C . -22.47 -14.66 6.40
C2 NAG C . -22.84 -14.45 7.87
C3 NAG C . -22.80 -15.76 8.63
C4 NAG C . -23.78 -16.73 7.98
C5 NAG C . -23.40 -16.88 6.50
C6 NAG C . -24.39 -17.77 5.74
C7 NAG C . -22.39 -12.21 8.79
C8 NAG C . -21.37 -11.28 9.42
N2 NAG C . -21.97 -13.45 8.48
O3 NAG C . -23.17 -15.54 9.97
O4 NAG C . -23.83 -17.95 8.72
O5 NAG C . -23.35 -15.62 5.84
O6 NAG C . -23.94 -17.99 4.41
O7 NAG C . -23.53 -11.79 8.60
C1 NAG D . -21.04 -23.32 -14.93
C2 NAG D . -22.36 -22.59 -14.68
C3 NAG D . -23.35 -22.98 -15.76
C4 NAG D . -22.72 -22.65 -17.11
C5 NAG D . -21.42 -23.45 -17.27
C6 NAG D . -20.69 -23.26 -18.59
C7 NAG D . -22.71 -22.08 -12.28
C8 NAG D . -22.00 -20.76 -12.39
N2 NAG D . -22.87 -22.88 -13.34
O3 NAG D . -24.57 -22.29 -15.59
O4 NAG D . -23.64 -22.91 -18.15
O5 NAG D . -20.55 -23.03 -16.23
O6 NAG D . -19.40 -23.82 -18.48
O7 NAG D . -23.17 -22.39 -11.19
C1 NAG E . 28.87 13.00 -3.63
C2 NAG E . 29.50 12.59 -4.99
C3 NAG E . 30.48 13.61 -5.60
C4 NAG E . 30.02 15.04 -5.36
C5 NAG E . 29.84 15.24 -3.85
C6 NAG E . 29.51 16.70 -3.49
C7 NAG E . 29.87 10.23 -5.65
C8 NAG E . 30.59 8.94 -5.35
N2 NAG E . 30.12 11.27 -4.84
O3 NAG E . 30.64 13.41 -6.99
O4 NAG E . 30.93 15.96 -5.93
O5 NAG E . 28.79 14.40 -3.38
O6 NAG E . 29.03 16.79 -2.17
O7 NAG E . 29.08 10.28 -6.61
C1 NAG F . 7.79 30.78 2.35
C2 NAG F . 8.99 31.42 1.63
C3 NAG F . 9.76 32.42 2.50
C4 NAG F . 8.80 33.34 3.21
C5 NAG F . 7.96 32.44 4.11
C6 NAG F . 7.06 33.21 5.07
C7 NAG F . 9.54 29.59 0.09
C8 NAG F . 10.51 28.52 -0.32
N2 NAG F . 9.86 30.34 1.15
O3 NAG F . 10.66 33.22 1.73
O4 NAG F . 9.51 34.34 3.92
O5 NAG F . 7.14 31.63 3.28
O6 NAG F . 7.83 34.14 5.80
O7 NAG F . 8.49 29.77 -0.54
#